data_4WZG
#
_entry.id   4WZG
#
_cell.length_a   40.150
_cell.length_b   42.620
_cell.length_c   67.210
_cell.angle_alpha   90.000
_cell.angle_beta   97.310
_cell.angle_gamma   90.000
#
_symmetry.space_group_name_H-M   'P 1 2 1'
#
loop_
_entity.id
_entity.type
_entity.pdbx_description
1 polymer 'Autophagy-related protein 101'
2 non-polymer BETA-MERCAPTOETHANOL
3 water water
#
_entity_poly.entity_id   1
_entity_poly.type   'polypeptide(L)'
_entity_poly.pdbx_seq_one_letter_code
;MNCRSEVLEVSVEGRQVEEAMLAVLHTVLLHRSTGKFHYKKEGTYSIGTVGTQDVDCDFIDFTYVRVSSEELDRALRKVV
GEFKDALRNSGGDGLGQMSLEFYQKKKSRWPFSDECIPWEVWTVKVHVVALATEQERQICREKVGEKLCEKIINIVEVMN
RHEYLPKMPTQSEVDNVFDTGLRDVQPYLYKISFQITDALGTSVTTTMRRLIKDTLAL
;
_entity_poly.pdbx_strand_id   A
#
loop_
_chem_comp.id
_chem_comp.type
_chem_comp.name
_chem_comp.formula
BME non-polymer BETA-MERCAPTOETHANOL 'C2 H6 O S'
#
# COMPACT_ATOMS: atom_id res chain seq x y z
N MET A 1 18.24 -5.27 10.83
CA MET A 1 17.34 -4.38 10.11
C MET A 1 17.35 -4.67 8.62
N ASN A 2 17.52 -5.94 8.28
CA ASN A 2 17.60 -6.36 6.88
C ASN A 2 16.37 -5.94 6.07
N CYS A 3 16.58 -5.03 5.12
CA CYS A 3 15.49 -4.53 4.26
C CYS A 3 15.27 -5.47 3.08
N ARG A 4 14.00 -5.73 2.79
CA ARG A 4 13.65 -6.56 1.63
C ARG A 4 12.72 -5.81 0.68
N SER A 5 13.04 -5.87 -0.61
CA SER A 5 12.22 -5.25 -1.64
C SER A 5 11.57 -6.31 -2.51
N GLU A 6 10.25 -6.22 -2.65
CA GLU A 6 9.51 -7.14 -3.50
C GLU A 6 8.83 -6.38 -4.64
N VAL A 7 8.85 -6.97 -5.84
CA VAL A 7 8.23 -6.34 -6.99
C VAL A 7 7.05 -7.16 -7.51
N LEU A 8 5.97 -6.47 -7.81
CA LEU A 8 4.80 -7.09 -8.40
C LEU A 8 4.44 -6.37 -9.70
N GLU A 9 4.13 -7.13 -10.74
CA GLU A 9 3.76 -6.53 -12.02
C GLU A 9 2.35 -6.95 -12.44
N VAL A 10 1.55 -5.98 -12.85
CA VAL A 10 0.18 -6.27 -13.32
C VAL A 10 -0.14 -5.51 -14.60
N SER A 11 -0.85 -6.18 -15.51
CA SER A 11 -1.35 -5.53 -16.71
C SER A 11 -2.87 -5.48 -16.66
N VAL A 12 -3.41 -4.26 -16.66
CA VAL A 12 -4.85 -4.07 -16.49
C VAL A 12 -5.42 -3.10 -17.51
N GLU A 13 -6.73 -2.92 -17.48
CA GLU A 13 -7.40 -1.92 -18.29
C GLU A 13 -7.52 -0.65 -17.46
N GLY A 14 -7.69 0.49 -18.12
CA GLY A 14 -7.75 1.78 -17.46
C GLY A 14 -8.73 1.86 -16.30
N ARG A 15 -9.92 1.29 -16.48
CA ARG A 15 -10.94 1.34 -15.45
C ARG A 15 -10.63 0.41 -14.28
N GLN A 16 -9.59 -0.41 -14.44
CA GLN A 16 -9.23 -1.40 -13.43
C GLN A 16 -8.05 -1.00 -12.56
N VAL A 17 -7.35 0.06 -12.95
CA VAL A 17 -6.13 0.47 -12.24
C VAL A 17 -6.37 0.78 -10.77
N GLU A 18 -7.41 1.56 -10.50
CA GLU A 18 -7.70 2.03 -9.15
C GLU A 18 -8.04 0.86 -8.22
N GLU A 19 -8.92 -0.03 -8.67
CA GLU A 19 -9.32 -1.17 -7.85
C GLU A 19 -8.18 -2.17 -7.68
N ALA A 20 -7.37 -2.32 -8.72
CA ALA A 20 -6.25 -3.26 -8.68
C ALA A 20 -5.20 -2.82 -7.67
N MET A 21 -4.86 -1.53 -7.68
CA MET A 21 -3.88 -0.99 -6.76
C MET A 21 -4.40 -1.02 -5.32
N LEU A 22 -5.69 -0.78 -5.16
CA LEU A 22 -6.30 -0.82 -3.84
C LEU A 22 -6.27 -2.21 -3.23
N ALA A 23 -6.46 -3.23 -4.07
CA ALA A 23 -6.40 -4.61 -3.61
C ALA A 23 -5.01 -4.95 -3.07
N VAL A 24 -3.98 -4.52 -3.79
CA VAL A 24 -2.61 -4.78 -3.39
C VAL A 24 -2.23 -4.04 -2.10
N LEU A 25 -2.46 -2.73 -2.10
CA LEU A 25 -2.09 -1.90 -0.95
C LEU A 25 -2.79 -2.34 0.33
N HIS A 26 -4.09 -2.53 0.25
CA HIS A 26 -4.86 -2.97 1.43
C HIS A 26 -4.43 -4.34 1.92
N THR A 27 -4.07 -5.23 0.98
CA THR A 27 -3.64 -6.57 1.35
C THR A 27 -2.32 -6.51 2.14
N VAL A 28 -1.39 -5.71 1.66
CA VAL A 28 -0.10 -5.55 2.35
C VAL A 28 -0.30 -4.90 3.72
N LEU A 29 -1.09 -3.84 3.77
CA LEU A 29 -1.34 -3.13 5.02
C LEU A 29 -2.17 -3.97 5.99
N LEU A 30 -2.89 -4.96 5.46
CA LEU A 30 -3.65 -5.88 6.30
C LEU A 30 -2.71 -6.71 7.18
N HIS A 31 -1.56 -7.07 6.63
CA HIS A 31 -0.61 -7.91 7.34
C HIS A 31 0.58 -7.11 7.86
N ARG A 32 0.46 -5.79 7.81
CA ARG A 32 1.50 -4.89 8.32
C ARG A 32 0.89 -3.83 9.22
N SER A 33 -0.06 -4.26 10.04
CA SER A 33 -0.77 -3.38 10.96
C SER A 33 -1.05 -4.10 12.28
N THR A 34 -1.34 -3.32 13.31
CA THR A 34 -1.83 -3.86 14.58
C THR A 34 -3.01 -3.02 15.08
N GLY A 35 -3.59 -3.40 16.20
CA GLY A 35 -4.60 -2.57 16.84
C GLY A 35 -3.92 -1.41 17.53
N LYS A 36 -4.69 -0.40 17.92
CA LYS A 36 -4.12 0.76 18.59
C LYS A 36 -3.63 0.42 19.99
N PHE A 37 -2.43 0.85 20.33
CA PHE A 37 -1.87 0.64 21.66
C PHE A 37 -2.45 1.63 22.66
N HIS A 38 -3.14 1.13 23.67
CA HIS A 38 -3.67 2.00 24.72
C HIS A 38 -2.82 1.85 25.97
N TYR A 39 -1.96 2.84 26.20
CA TYR A 39 -0.97 2.75 27.27
C TYR A 39 -1.55 3.06 28.64
N LYS A 40 -1.06 2.34 29.65
CA LYS A 40 -1.47 2.56 31.04
C LYS A 40 -0.31 3.15 31.83
N LYS A 41 -0.37 2.99 33.15
CA LYS A 41 0.74 3.39 34.02
C LYS A 41 1.90 2.42 33.84
N GLU A 42 3.08 2.83 34.26
CA GLU A 42 4.29 2.01 34.17
C GLU A 42 4.63 1.64 32.72
N GLY A 43 4.06 2.36 31.76
CA GLY A 43 4.35 2.15 30.35
C GLY A 43 3.72 0.93 29.72
N THR A 44 2.86 0.23 30.46
CA THR A 44 2.18 -0.97 29.94
C THR A 44 1.09 -0.60 28.95
N TYR A 45 0.60 -1.57 28.19
CA TYR A 45 -0.43 -1.27 27.20
C TYR A 45 -1.30 -2.45 26.78
N SER A 46 -2.54 -2.13 26.40
CA SER A 46 -3.44 -3.09 25.78
C SER A 46 -3.53 -2.76 24.30
N ILE A 47 -4.13 -3.66 23.51
CA ILE A 47 -4.22 -3.47 22.07
C ILE A 47 -5.67 -3.50 21.58
N GLY A 48 -6.07 -2.46 20.87
CA GLY A 48 -7.45 -2.33 20.40
C GLY A 48 -7.82 -3.32 19.31
N THR A 49 -9.10 -3.39 19.00
CA THR A 49 -9.58 -4.31 17.97
C THR A 49 -9.49 -3.70 16.57
N VAL A 50 -9.23 -4.56 15.59
CA VAL A 50 -9.24 -4.16 14.18
C VAL A 50 -10.11 -5.10 13.36
N GLY A 51 -11.25 -4.59 12.90
CA GLY A 51 -12.15 -5.39 12.09
C GLY A 51 -11.67 -5.44 10.66
N THR A 52 -12.19 -6.40 9.90
CA THR A 52 -11.91 -6.49 8.48
C THR A 52 -13.21 -6.69 7.71
N GLN A 53 -13.17 -6.42 6.40
CA GLN A 53 -14.37 -6.54 5.58
C GLN A 53 -14.03 -6.87 4.14
N ASP A 54 -14.92 -7.60 3.49
CA ASP A 54 -14.76 -7.93 2.08
C ASP A 54 -15.09 -6.73 1.22
N VAL A 55 -14.33 -6.54 0.15
CA VAL A 55 -14.60 -5.48 -0.82
C VAL A 55 -14.84 -6.07 -2.21
N ASP A 56 -16.02 -5.84 -2.75
CA ASP A 56 -16.36 -6.32 -4.08
C ASP A 56 -15.92 -5.32 -5.14
N CYS A 57 -15.11 -5.77 -6.07
CA CYS A 57 -14.66 -4.91 -7.16
C CYS A 57 -15.76 -4.79 -8.21
N ASP A 58 -15.86 -3.61 -8.82
CA ASP A 58 -16.89 -3.34 -9.81
C ASP A 58 -16.38 -3.52 -11.24
N PHE A 59 -15.06 -3.37 -11.41
CA PHE A 59 -14.48 -3.45 -12.74
C PHE A 59 -13.58 -4.68 -12.89
N ILE A 60 -13.50 -5.47 -11.83
CA ILE A 60 -12.74 -6.71 -11.83
C ILE A 60 -13.55 -7.79 -11.11
N ASP A 61 -13.67 -8.96 -11.72
CA ASP A 61 -14.33 -10.09 -11.05
C ASP A 61 -13.40 -10.61 -9.96
N PHE A 62 -13.42 -9.96 -8.81
CA PHE A 62 -12.52 -10.29 -7.71
C PHE A 62 -13.00 -9.63 -6.41
N THR A 63 -12.66 -10.26 -5.29
CA THR A 63 -13.00 -9.71 -3.97
C THR A 63 -11.77 -9.76 -3.08
N TYR A 64 -11.46 -8.65 -2.41
CA TYR A 64 -10.34 -8.62 -1.47
C TYR A 64 -10.78 -8.20 -0.07
N VAL A 65 -9.89 -8.40 0.89
CA VAL A 65 -10.17 -8.08 2.28
C VAL A 65 -9.32 -6.91 2.75
N ARG A 66 -9.95 -5.93 3.38
CA ARG A 66 -9.22 -4.77 3.89
C ARG A 66 -9.54 -4.51 5.37
N VAL A 67 -8.65 -3.76 6.01
CA VAL A 67 -8.86 -3.29 7.37
C VAL A 67 -10.10 -2.41 7.44
N SER A 68 -10.97 -2.65 8.41
CA SER A 68 -12.17 -1.84 8.58
C SER A 68 -11.81 -0.48 9.15
N SER A 69 -11.23 0.37 8.32
CA SER A 69 -10.86 1.73 8.72
C SER A 69 -11.10 2.70 7.57
N GLU A 70 -12.08 3.59 7.74
CA GLU A 70 -12.40 4.56 6.70
C GLU A 70 -11.26 5.56 6.51
N GLU A 71 -10.56 5.85 7.60
CA GLU A 71 -9.44 6.79 7.57
C GLU A 71 -8.34 6.30 6.64
N LEU A 72 -7.96 5.04 6.80
CA LEU A 72 -6.95 4.42 5.96
C LEU A 72 -7.42 4.30 4.51
N ASP A 73 -8.68 3.88 4.34
CA ASP A 73 -9.25 3.69 3.00
C ASP A 73 -9.24 4.99 2.21
N ARG A 74 -9.64 6.09 2.86
CA ARG A 74 -9.67 7.39 2.19
C ARG A 74 -8.26 7.85 1.84
N ALA A 75 -7.30 7.50 2.69
CA ALA A 75 -5.90 7.84 2.44
C ALA A 75 -5.39 7.10 1.20
N LEU A 76 -5.65 5.79 1.15
CA LEU A 76 -5.20 4.98 0.03
C LEU A 76 -5.92 5.33 -1.26
N ARG A 77 -7.22 5.59 -1.17
CA ARG A 77 -8.00 5.95 -2.35
C ARG A 77 -7.50 7.26 -2.96
N LYS A 78 -7.01 8.16 -2.11
CA LYS A 78 -6.49 9.43 -2.59
C LYS A 78 -5.26 9.23 -3.46
N VAL A 79 -4.26 8.55 -2.92
CA VAL A 79 -2.98 8.41 -3.62
C VAL A 79 -3.11 7.48 -4.83
N VAL A 80 -3.97 6.47 -4.73
CA VAL A 80 -4.25 5.62 -5.88
C VAL A 80 -4.97 6.44 -6.94
N GLY A 81 -5.83 7.34 -6.48
CA GLY A 81 -6.56 8.23 -7.36
C GLY A 81 -5.63 9.14 -8.17
N GLU A 82 -4.64 9.70 -7.50
CA GLU A 82 -3.64 10.55 -8.16
C GLU A 82 -2.87 9.72 -9.19
N PHE A 83 -2.47 8.52 -8.79
CA PHE A 83 -1.73 7.61 -9.65
C PHE A 83 -2.53 7.24 -10.89
N LYS A 84 -3.79 6.86 -10.69
CA LYS A 84 -4.65 6.46 -11.79
C LYS A 84 -4.80 7.56 -12.84
N ASP A 85 -4.89 8.80 -12.38
CA ASP A 85 -4.98 9.94 -13.29
C ASP A 85 -3.66 10.17 -14.02
N ALA A 86 -2.57 10.23 -13.27
CA ALA A 86 -1.25 10.51 -13.83
C ALA A 86 -0.80 9.42 -14.79
N LEU A 87 -1.34 8.22 -14.62
CA LEU A 87 -0.95 7.07 -15.43
C LEU A 87 -1.81 6.94 -16.70
N ARG A 88 -3.12 6.80 -16.52
CA ARG A 88 -4.04 6.67 -17.65
C ARG A 88 -3.92 7.86 -18.60
N ASN A 89 -3.96 9.06 -18.03
CA ASN A 89 -3.88 10.28 -18.82
C ASN A 89 -2.44 10.61 -19.18
N SER A 90 -1.78 9.65 -19.83
CA SER A 90 -0.39 9.81 -20.23
C SER A 90 -0.18 9.29 -21.66
N GLY A 91 0.61 10.02 -22.44
CA GLY A 91 0.87 9.65 -23.82
C GLY A 91 2.12 8.80 -23.96
N GLY A 92 2.30 7.84 -23.05
CA GLY A 92 3.43 6.93 -23.12
C GLY A 92 2.98 5.55 -23.52
N ASP A 93 3.71 4.53 -23.07
CA ASP A 93 3.35 3.16 -23.36
C ASP A 93 2.48 2.59 -22.25
N GLY A 94 1.88 3.49 -21.47
CA GLY A 94 1.00 3.10 -20.37
C GLY A 94 1.72 2.38 -19.26
N LEU A 95 2.87 2.90 -18.85
CA LEU A 95 3.69 2.29 -17.81
C LEU A 95 3.94 3.22 -16.63
N GLY A 96 3.88 2.67 -15.43
CA GLY A 96 4.14 3.43 -14.22
C GLY A 96 4.29 2.48 -13.04
N GLN A 97 4.79 2.98 -11.92
CA GLN A 97 4.94 2.13 -10.75
C GLN A 97 4.65 2.87 -9.44
N MET A 98 4.15 2.13 -8.45
CA MET A 98 3.83 2.69 -7.14
C MET A 98 4.58 1.92 -6.06
N SER A 99 5.11 2.63 -5.08
CA SER A 99 5.89 2.01 -4.01
C SER A 99 5.27 2.21 -2.64
N LEU A 100 5.12 1.11 -1.91
CA LEU A 100 4.75 1.17 -0.50
C LEU A 100 5.99 0.82 0.33
N GLU A 101 6.45 1.78 1.13
CA GLU A 101 7.66 1.60 1.90
C GLU A 101 7.40 1.67 3.40
N PHE A 102 7.76 0.60 4.12
CA PHE A 102 7.70 0.60 5.57
C PHE A 102 9.05 0.97 6.16
N TYR A 103 9.05 1.90 7.11
CA TYR A 103 10.30 2.42 7.65
C TYR A 103 10.23 2.68 9.16
N GLN A 104 11.39 2.86 9.77
CA GLN A 104 11.47 3.29 11.15
C GLN A 104 12.13 4.66 11.25
N LYS A 105 11.69 5.45 12.22
CA LYS A 105 12.29 6.77 12.44
C LYS A 105 13.43 6.68 13.43
N LYS A 106 14.66 6.79 12.93
CA LYS A 106 15.81 6.95 13.79
C LYS A 106 16.01 8.43 14.02
N LYS A 107 15.44 8.93 15.12
CA LYS A 107 15.50 10.35 15.45
C LYS A 107 16.95 10.81 15.60
N SER A 108 17.42 11.55 14.60
CA SER A 108 18.79 12.07 14.62
C SER A 108 18.98 12.91 15.87
N ARG A 109 20.09 12.66 16.57
CA ARG A 109 20.38 13.28 17.87
C ARG A 109 20.09 14.78 17.85
N TRP A 110 19.45 15.27 18.91
CA TRP A 110 19.01 16.67 19.02
C TRP A 110 20.09 17.65 18.56
N PRO A 111 19.67 18.72 17.88
CA PRO A 111 18.28 19.04 17.54
C PRO A 111 17.95 18.95 16.05
N PHE A 112 18.90 18.51 15.24
CA PHE A 112 18.88 18.74 13.81
C PHE A 112 17.68 18.14 13.04
N SER A 113 17.64 16.83 12.88
CA SER A 113 16.63 16.23 12.01
C SER A 113 16.10 14.87 12.48
N ASP A 114 15.48 14.15 11.55
CA ASP A 114 14.97 12.80 11.79
C ASP A 114 15.08 11.97 10.52
N GLU A 115 15.64 10.76 10.65
CA GLU A 115 15.92 9.93 9.49
C GLU A 115 14.97 8.75 9.34
N CYS A 116 14.54 8.49 8.11
CA CYS A 116 13.64 7.37 7.82
C CYS A 116 14.42 6.20 7.24
N ILE A 117 14.46 5.09 7.98
CA ILE A 117 15.17 3.89 7.55
C ILE A 117 14.18 2.80 7.16
N PRO A 118 14.12 2.50 5.86
CA PRO A 118 13.15 1.51 5.36
C PRO A 118 13.55 0.08 5.68
N TRP A 119 12.57 -0.78 5.96
CA TRP A 119 12.87 -2.19 6.20
C TRP A 119 12.09 -3.09 5.24
N GLU A 120 11.11 -2.52 4.56
CA GLU A 120 10.36 -3.25 3.54
C GLU A 120 9.86 -2.34 2.43
N VAL A 121 10.13 -2.72 1.18
CA VAL A 121 9.63 -1.97 0.04
C VAL A 121 8.74 -2.85 -0.82
N TRP A 122 7.54 -2.36 -1.10
CA TRP A 122 6.60 -3.07 -1.98
C TRP A 122 6.31 -2.21 -3.20
N THR A 123 6.79 -2.66 -4.37
CA THR A 123 6.61 -1.92 -5.61
C THR A 123 5.68 -2.62 -6.59
N VAL A 124 4.71 -1.88 -7.11
CA VAL A 124 3.80 -2.42 -8.11
C VAL A 124 4.03 -1.76 -9.46
N LYS A 125 4.54 -2.53 -10.42
CA LYS A 125 4.72 -2.01 -11.77
C LYS A 125 3.45 -2.27 -12.60
N VAL A 126 2.77 -1.20 -12.96
CA VAL A 126 1.49 -1.29 -13.66
C VAL A 126 1.63 -1.01 -15.15
N HIS A 127 1.08 -1.91 -15.96
CA HIS A 127 0.97 -1.72 -17.39
C HIS A 127 -0.50 -1.60 -17.75
N VAL A 128 -0.91 -0.41 -18.19
CA VAL A 128 -2.33 -0.17 -18.43
C VAL A 128 -2.65 -0.02 -19.91
N VAL A 129 -3.68 -0.73 -20.36
CA VAL A 129 -4.15 -0.62 -21.73
C VAL A 129 -5.55 -0.02 -21.75
N ALA A 130 -5.78 0.90 -22.68
CA ALA A 130 -7.08 1.54 -22.83
C ALA A 130 -7.93 0.80 -23.85
N LEU A 131 -9.04 0.23 -23.38
CA LEU A 131 -9.94 -0.53 -24.26
C LEU A 131 -11.28 0.17 -24.42
N ALA A 132 -11.81 0.13 -25.64
CA ALA A 132 -13.07 0.80 -25.96
C ALA A 132 -14.22 -0.20 -26.05
N THR A 133 -13.97 -1.33 -26.71
CA THR A 133 -15.00 -2.35 -26.89
C THR A 133 -15.49 -2.90 -25.56
N GLU A 134 -16.81 -2.99 -25.42
CA GLU A 134 -17.43 -3.48 -24.20
C GLU A 134 -17.07 -4.94 -23.94
N GLN A 135 -16.97 -5.72 -25.02
CA GLN A 135 -16.65 -7.13 -24.90
C GLN A 135 -15.24 -7.35 -24.36
N GLU A 136 -14.28 -6.60 -24.88
CA GLU A 136 -12.89 -6.70 -24.42
C GLU A 136 -12.79 -6.36 -22.95
N ARG A 137 -13.58 -5.38 -22.50
CA ARG A 137 -13.61 -5.00 -21.10
C ARG A 137 -14.09 -6.17 -20.25
N GLN A 138 -15.07 -6.90 -20.76
CA GLN A 138 -15.62 -8.06 -20.06
C GLN A 138 -14.58 -9.16 -19.92
N ILE A 139 -13.80 -9.39 -20.98
CA ILE A 139 -12.73 -10.38 -20.95
C ILE A 139 -11.70 -10.00 -19.88
N CYS A 140 -11.44 -8.71 -19.76
CA CYS A 140 -10.46 -8.22 -18.79
C CYS A 140 -10.94 -8.40 -17.35
N ARG A 141 -12.25 -8.32 -17.14
CA ARG A 141 -12.82 -8.51 -15.79
C ARG A 141 -12.50 -9.91 -15.27
N GLU A 142 -12.71 -10.92 -16.11
CA GLU A 142 -12.44 -12.30 -15.72
C GLU A 142 -10.95 -12.59 -15.69
N LYS A 143 -10.23 -12.15 -16.71
CA LYS A 143 -8.80 -12.43 -16.86
C LYS A 143 -7.96 -11.82 -15.73
N VAL A 144 -8.22 -10.55 -15.42
CA VAL A 144 -7.47 -9.86 -14.37
C VAL A 144 -7.83 -10.42 -13.00
N GLY A 145 -9.11 -10.78 -12.81
CA GLY A 145 -9.56 -11.36 -11.57
C GLY A 145 -8.78 -12.62 -11.19
N GLU A 146 -8.50 -13.44 -12.20
CA GLU A 146 -7.73 -14.67 -11.98
C GLU A 146 -6.29 -14.37 -11.58
N LYS A 147 -5.64 -13.49 -12.35
CA LYS A 147 -4.26 -13.12 -12.09
C LYS A 147 -4.09 -12.41 -10.75
N LEU A 148 -5.02 -11.50 -10.46
CA LEU A 148 -4.98 -10.72 -9.23
C LEU A 148 -5.18 -11.60 -8.00
N CYS A 149 -6.03 -12.62 -8.16
CA CYS A 149 -6.26 -13.58 -7.08
C CYS A 149 -4.96 -14.32 -6.76
N GLU A 150 -4.28 -14.76 -7.81
CA GLU A 150 -3.03 -15.50 -7.67
C GLU A 150 -1.94 -14.65 -7.04
N LYS A 151 -1.98 -13.33 -7.28
CA LYS A 151 -0.93 -12.44 -6.80
C LYS A 151 -1.14 -12.01 -5.34
N ILE A 152 -2.40 -11.97 -4.90
CA ILE A 152 -2.70 -11.60 -3.52
C ILE A 152 -2.28 -12.71 -2.56
N ILE A 153 -2.65 -13.95 -2.88
CA ILE A 153 -2.23 -15.10 -2.10
C ILE A 153 -0.71 -15.20 -2.12
N ASN A 154 -0.12 -14.94 -3.28
CA ASN A 154 1.33 -14.94 -3.43
C ASN A 154 2.00 -13.92 -2.51
N ILE A 155 1.44 -12.71 -2.46
CA ILE A 155 2.05 -11.64 -1.68
C ILE A 155 1.92 -11.92 -0.18
N VAL A 156 0.86 -12.64 0.21
CA VAL A 156 0.67 -13.01 1.61
C VAL A 156 1.73 -14.03 2.02
N GLU A 157 2.03 -14.95 1.10
CA GLU A 157 3.06 -15.95 1.34
C GLU A 157 4.44 -15.31 1.45
N VAL A 158 4.68 -14.27 0.65
CA VAL A 158 5.97 -13.57 0.67
C VAL A 158 6.17 -12.82 1.98
N MET A 159 5.12 -12.13 2.44
CA MET A 159 5.16 -11.43 3.72
C MET A 159 5.46 -12.39 4.87
N ASN A 160 4.80 -13.54 4.84
CA ASN A 160 5.02 -14.58 5.84
C ASN A 160 6.44 -15.11 5.76
N ARG A 161 7.02 -15.07 4.55
CA ARG A 161 8.35 -15.59 4.30
C ARG A 161 9.44 -14.64 4.82
N HIS A 162 9.11 -13.36 4.95
CA HIS A 162 10.05 -12.38 5.47
C HIS A 162 10.35 -12.64 6.94
N GLU A 163 11.64 -12.68 7.28
CA GLU A 163 12.06 -13.04 8.63
C GLU A 163 12.21 -11.83 9.55
N TYR A 164 12.16 -10.63 8.99
CA TYR A 164 12.37 -9.44 9.79
C TYR A 164 11.09 -8.66 10.06
N LEU A 165 10.89 -8.34 11.33
CA LEU A 165 9.89 -7.36 11.76
C LEU A 165 10.55 -6.44 12.77
N PRO A 166 10.09 -5.18 12.83
CA PRO A 166 10.65 -4.27 13.83
C PRO A 166 10.46 -4.79 15.25
N LYS A 167 11.44 -4.56 16.11
CA LYS A 167 11.30 -4.93 17.52
C LYS A 167 10.15 -4.16 18.13
N MET A 168 9.32 -4.85 18.90
CA MET A 168 8.17 -4.23 19.55
C MET A 168 8.64 -3.10 20.46
N PRO A 169 8.16 -1.87 20.20
CA PRO A 169 8.64 -0.67 20.88
C PRO A 169 7.99 -0.43 22.23
N THR A 170 8.68 0.32 23.09
CA THR A 170 8.10 0.77 24.34
C THR A 170 7.30 2.04 24.07
N GLN A 171 6.68 2.60 25.11
CA GLN A 171 5.81 3.76 24.95
C GLN A 171 6.53 4.96 24.34
N SER A 172 7.79 5.15 24.72
CA SER A 172 8.57 6.28 24.23
C SER A 172 9.03 6.09 22.79
N GLU A 173 8.91 4.86 22.29
CA GLU A 173 9.47 4.51 21.00
C GLU A 173 8.41 4.19 19.94
N VAL A 174 7.14 4.26 20.33
CA VAL A 174 6.05 3.79 19.48
C VAL A 174 5.92 4.60 18.17
N ASP A 175 6.20 5.89 18.21
CA ASP A 175 6.04 6.74 17.03
C ASP A 175 7.23 6.61 16.06
N ASN A 176 8.23 5.85 16.47
CA ASN A 176 9.36 5.55 15.60
C ASN A 176 9.11 4.29 14.77
N VAL A 177 8.03 3.58 15.10
CA VAL A 177 7.74 2.29 14.48
C VAL A 177 6.35 2.26 13.84
N PHE A 178 5.38 2.87 14.50
CA PHE A 178 4.00 2.81 14.03
C PHE A 178 3.41 4.18 13.69
N ASP A 179 2.44 4.16 12.79
CA ASP A 179 1.60 5.33 12.54
C ASP A 179 0.50 5.35 13.58
N THR A 180 0.65 6.20 14.58
CA THR A 180 -0.30 6.24 15.70
C THR A 180 -1.35 7.34 15.51
N GLY A 181 -1.56 7.75 14.26
CA GLY A 181 -2.43 8.87 13.97
C GLY A 181 -3.81 8.51 13.45
N LEU A 182 -4.07 7.23 13.27
CA LEU A 182 -5.37 6.79 12.78
C LEU A 182 -6.26 6.35 13.94
N ARG A 183 -7.57 6.49 13.75
CA ARG A 183 -8.53 6.31 14.83
C ARG A 183 -8.78 4.86 15.22
N ASP A 184 -8.69 3.96 14.26
CA ASP A 184 -9.16 2.59 14.45
C ASP A 184 -8.21 1.50 13.94
N VAL A 185 -6.96 1.88 13.68
CA VAL A 185 -5.95 0.93 13.23
C VAL A 185 -4.57 1.55 13.40
N GLN A 186 -3.55 0.71 13.51
CA GLN A 186 -2.19 1.18 13.76
C GLN A 186 -1.19 0.48 12.85
N PRO A 187 -1.08 0.95 11.60
CA PRO A 187 -0.12 0.33 10.68
C PRO A 187 1.31 0.69 11.05
N TYR A 188 2.27 -0.11 10.61
CA TYR A 188 3.68 0.30 10.67
C TYR A 188 3.83 1.60 9.90
N LEU A 189 4.83 2.40 10.27
CA LEU A 189 5.11 3.64 9.55
C LEU A 189 5.34 3.36 8.07
N TYR A 190 4.60 4.07 7.22
CA TYR A 190 4.67 3.83 5.79
C TYR A 190 4.59 5.13 5.00
N LYS A 191 5.24 5.14 3.86
CA LYS A 191 5.10 6.23 2.90
C LYS A 191 4.77 5.62 1.55
N ILE A 192 3.98 6.34 0.76
CA ILE A 192 3.62 5.86 -0.57
C ILE A 192 4.04 6.89 -1.61
N SER A 193 4.65 6.40 -2.69
CA SER A 193 5.08 7.25 -3.79
C SER A 193 4.88 6.53 -5.12
N PHE A 194 4.78 7.28 -6.20
CA PHE A 194 4.68 6.67 -7.52
C PHE A 194 5.40 7.49 -8.55
N GLN A 195 5.82 6.85 -9.63
CA GLN A 195 6.46 7.57 -10.72
C GLN A 195 5.98 7.11 -12.09
N ILE A 196 5.76 8.07 -12.98
CA ILE A 196 5.37 7.80 -14.35
C ILE A 196 6.46 8.31 -15.28
N THR A 197 6.95 7.46 -16.17
CA THR A 197 7.95 7.87 -17.14
C THR A 197 7.34 7.94 -18.54
N ASP A 198 7.59 9.05 -19.22
CA ASP A 198 7.03 9.31 -20.53
C ASP A 198 8.15 9.54 -21.55
N ALA A 199 7.78 9.84 -22.78
CA ALA A 199 8.76 10.19 -23.80
C ALA A 199 9.40 11.55 -23.48
N LEU A 200 8.72 12.33 -22.64
CA LEU A 200 9.20 13.66 -22.27
C LEU A 200 10.13 13.60 -21.06
N GLY A 201 9.86 12.67 -20.15
CA GLY A 201 10.68 12.53 -18.95
C GLY A 201 10.01 11.70 -17.88
N THR A 202 10.47 11.86 -16.64
CA THR A 202 9.94 11.10 -15.52
C THR A 202 9.35 12.01 -14.44
N SER A 203 8.14 11.69 -14.01
CA SER A 203 7.46 12.45 -12.97
C SER A 203 7.39 11.61 -11.69
N VAL A 204 7.70 12.21 -10.55
CA VAL A 204 7.71 11.49 -9.27
C VAL A 204 6.85 12.19 -8.23
N THR A 205 5.92 11.45 -7.63
CA THR A 205 5.02 12.00 -6.63
C THR A 205 5.19 11.33 -5.27
N THR A 206 5.43 12.14 -4.24
CA THR A 206 5.53 11.63 -2.88
C THR A 206 4.44 12.24 -2.00
N THR A 207 3.73 11.37 -1.28
CA THR A 207 2.64 11.82 -0.40
C THR A 207 3.02 11.66 1.06
N MET A 208 2.74 12.68 1.87
CA MET A 208 3.10 12.66 3.27
C MET A 208 1.88 12.89 4.16
N ARG A 209 1.85 12.17 5.28
CA ARG A 209 0.80 12.38 6.28
C ARG A 209 0.94 13.76 6.90
N ARG A 210 -0.14 14.26 7.49
CA ARG A 210 -0.15 15.60 8.09
C ARG A 210 0.91 15.75 9.18
C1 BME B . -4.95 -6.96 -20.61
C2 BME B . -6.08 -7.21 -19.61
O1 BME B . -3.93 -6.20 -19.99
S2 BME B . -7.56 -7.86 -20.43
#